data_2WM4
#
_entry.id   2WM4
#
_cell.length_a   51.596
_cell.length_b   73.400
_cell.length_c   109.696
_cell.angle_alpha   90.00
_cell.angle_beta   90.00
_cell.angle_gamma   90.00
#
_symmetry.space_group_name_H-M   'P 21 21 21'
#
loop_
_entity.id
_entity.type
_entity.pdbx_description
1 polymer 'PUTATIVE CYTOCHROME P450 124'
2 non-polymer 'PROTOPORPHYRIN IX CONTAINING FE'
3 non-polymer '(3R,7S,11S)-3,7,11,15-tetramethylhexadecanoic acid'
4 non-polymer 'CALCIUM ION'
5 water water
#
_entity_poly.entity_id   1
_entity_poly.type   'polypeptide(L)'
_entity_poly.pdbx_seq_one_letter_code
;MHHHHHHMGLNTAIATRVNGTPPPEVPIADIELGSLDFWALDDDVRDGAFATLRREAPISFWPTIELPGFVAGNGHWALT
KYDDVFYASRHPDIFSSYPNITINDQTPELAEYFGSMIVLDDPRHQRLRSIVSRAFTPKVVARIEAAVRDRAHRLVSSMI
ANNPDRQADLVSELAGPLPLQIICDMMGIPKADHQRIFHWTNVILGFGDPDLATDFDEFMQVSADIGAYATALAEDRRVN
HHDDLTSSLVEAEVDGERLSSREIASFFILLVVAGNETTRNAITHGVLALSRYPEQRDRWWSDFDGLAPTAVEEIVRWAS
PVVYMRRTLTQDIELRGTKMAAGDKVSLWYCSANRDESKFADPWTFDLARNPNPHLGFGGGGAHFCLGANLARREIRVAF
DELRRQMPDVVATEEPARLLSQFIHGIKTLPVTWS
;
_entity_poly.pdbx_strand_id   A
#
loop_
_chem_comp.id
_chem_comp.type
_chem_comp.name
_chem_comp.formula
CA non-polymer 'CALCIUM ION' 'Ca 2'
HEM non-polymer 'PROTOPORPHYRIN IX CONTAINING FE' 'C34 H32 Fe N4 O4'
VGJ non-polymer '(3R,7S,11S)-3,7,11,15-tetramethylhexadecanoic acid' 'C20 H40 O2'
#
# COMPACT_ATOMS: atom_id res chain seq x y z
N LEU A 10 25.34 3.28 -17.22
CA LEU A 10 26.30 3.25 -16.04
C LEU A 10 27.02 1.92 -15.67
N ASN A 11 26.75 0.80 -16.33
CA ASN A 11 27.60 -0.44 -16.19
C ASN A 11 27.61 -1.15 -14.79
N THR A 12 27.48 -0.35 -13.73
CA THR A 12 27.08 -0.86 -12.41
C THR A 12 25.57 -1.17 -12.40
N ALA A 13 24.86 -0.67 -13.38
CA ALA A 13 23.41 -0.73 -13.35
C ALA A 13 22.88 -2.16 -13.51
N ILE A 14 21.68 -2.34 -12.98
CA ILE A 14 20.78 -3.43 -13.29
C ILE A 14 20.77 -3.69 -14.79
N ALA A 15 20.59 -4.95 -15.18
CA ALA A 15 20.33 -5.27 -16.58
C ALA A 15 19.01 -4.63 -17.03
N THR A 16 18.98 -4.13 -18.24
CA THR A 16 17.78 -3.69 -18.92
C THR A 16 16.79 -4.85 -19.14
N ARG A 17 15.53 -4.51 -19.39
CA ARG A 17 14.58 -5.52 -19.75
C ARG A 17 13.77 -4.97 -20.90
N VAL A 18 13.43 -5.84 -21.87
CA VAL A 18 12.46 -5.49 -22.92
C VAL A 18 11.06 -5.16 -22.37
N ASN A 19 10.49 -4.04 -22.79
CA ASN A 19 9.16 -3.65 -22.33
C ASN A 19 8.06 -4.50 -22.99
N GLY A 20 7.05 -4.87 -22.21
CA GLY A 20 5.90 -5.59 -22.77
C GLY A 20 6.11 -7.10 -22.78
N THR A 21 7.09 -7.55 -22.03
CA THR A 21 7.42 -8.95 -21.86
C THR A 21 6.36 -9.64 -20.97
N PRO A 22 5.63 -10.66 -21.50
CA PRO A 22 4.61 -11.32 -20.69
C PRO A 22 5.28 -12.33 -19.76
N PRO A 23 4.60 -12.70 -18.67
CA PRO A 23 5.22 -13.53 -17.65
C PRO A 23 5.40 -14.99 -18.10
N PRO A 24 6.26 -15.75 -17.39
CA PRO A 24 6.45 -17.18 -17.67
C PRO A 24 5.15 -17.90 -17.59
N GLU A 25 5.07 -19.01 -18.31
CA GLU A 25 3.96 -19.97 -18.21
C GLU A 25 3.95 -20.64 -16.82
N VAL A 26 2.85 -20.51 -16.11
CA VAL A 26 2.79 -21.09 -14.79
C VAL A 26 1.60 -22.06 -14.76
N PRO A 27 1.89 -23.39 -14.83
CA PRO A 27 0.76 -24.39 -14.72
C PRO A 27 -0.05 -24.17 -13.44
N ILE A 28 -1.36 -24.38 -13.51
CA ILE A 28 -2.19 -24.23 -12.34
C ILE A 28 -1.81 -25.07 -11.14
N ALA A 29 -1.26 -26.26 -11.38
CA ALA A 29 -0.76 -27.17 -10.35
C ALA A 29 0.35 -26.57 -9.54
N ASP A 30 1.01 -25.54 -10.06
CA ASP A 30 2.09 -24.88 -9.32
C ASP A 30 1.67 -23.67 -8.48
N ILE A 31 0.37 -23.41 -8.48
CA ILE A 31 -0.12 -22.22 -7.84
C ILE A 31 -0.74 -22.60 -6.51
N GLU A 32 -0.14 -22.08 -5.44
CA GLU A 32 -0.66 -22.30 -4.12
C GLU A 32 -0.67 -21.02 -3.27
N LEU A 33 -1.75 -20.24 -3.43
CA LEU A 33 -1.95 -18.98 -2.71
C LEU A 33 -1.97 -19.07 -1.19
N GLY A 34 -2.35 -20.21 -0.64
CA GLY A 34 -2.33 -20.44 0.82
C GLY A 34 -0.98 -20.95 1.33
N SER A 35 0.02 -20.97 0.47
CA SER A 35 1.36 -21.23 0.98
C SER A 35 2.19 -19.96 0.95
N LEU A 36 2.85 -19.70 2.08
CA LEU A 36 3.85 -18.63 2.13
C LEU A 36 4.96 -18.78 1.10
N ASP A 37 5.29 -20.00 0.71
CA ASP A 37 6.34 -20.21 -0.27
C ASP A 37 5.96 -19.69 -1.63
N PHE A 38 4.66 -19.60 -1.91
CA PHE A 38 4.24 -19.03 -3.16
C PHE A 38 4.60 -17.51 -3.24
N TRP A 39 4.37 -16.78 -2.15
CA TRP A 39 4.73 -15.36 -2.04
C TRP A 39 6.24 -15.08 -2.05
N ALA A 40 7.03 -16.11 -1.76
CA ALA A 40 8.47 -16.08 -1.99
C ALA A 40 8.83 -16.11 -3.47
N LEU A 41 8.00 -16.66 -4.35
CA LEU A 41 8.47 -16.86 -5.73
C LEU A 41 8.70 -15.49 -6.33
N ASP A 42 9.61 -15.37 -7.31
CA ASP A 42 9.82 -14.01 -7.85
C ASP A 42 8.59 -13.41 -8.57
N ASP A 43 8.57 -12.10 -8.72
CA ASP A 43 7.43 -11.40 -9.29
C ASP A 43 6.89 -11.88 -10.64
N ASP A 44 7.77 -12.29 -11.54
CA ASP A 44 7.39 -12.82 -12.86
C ASP A 44 6.51 -14.09 -12.77
N VAL A 45 6.87 -14.96 -11.86
CA VAL A 45 6.15 -16.23 -11.66
C VAL A 45 4.79 -15.92 -11.00
N ARG A 46 4.81 -15.04 -10.00
CA ARG A 46 3.58 -14.52 -9.42
C ARG A 46 2.61 -13.96 -10.47
N ASP A 47 3.09 -13.08 -11.36
CA ASP A 47 2.27 -12.47 -12.41
C ASP A 47 1.74 -13.55 -13.33
N GLY A 48 2.63 -14.51 -13.62
CA GLY A 48 2.27 -15.68 -14.43
C GLY A 48 1.16 -16.49 -13.79
N ALA A 49 1.28 -16.71 -12.47
CA ALA A 49 0.29 -17.48 -11.71
C ALA A 49 -1.06 -16.79 -11.77
N PHE A 50 -1.09 -15.46 -11.59
CA PHE A 50 -2.37 -14.72 -11.72
C PHE A 50 -2.93 -14.66 -13.11
N ALA A 51 -2.08 -14.61 -14.10
CA ALA A 51 -2.54 -14.77 -15.50
C ALA A 51 -3.30 -16.13 -15.71
N THR A 52 -2.71 -17.19 -15.19
CA THR A 52 -3.28 -18.53 -15.29
C THR A 52 -4.65 -18.51 -14.62
N LEU A 53 -4.71 -17.98 -13.38
CA LEU A 53 -6.03 -17.89 -12.68
C LEU A 53 -7.08 -17.10 -13.47
N ARG A 54 -6.70 -15.99 -14.10
CA ARG A 54 -7.69 -15.07 -14.69
C ARG A 54 -8.40 -15.78 -15.86
N ARG A 55 -7.62 -16.57 -16.58
CA ARG A 55 -8.05 -17.38 -17.67
C ARG A 55 -8.79 -18.69 -17.26
N GLU A 56 -8.18 -19.51 -16.40
CA GLU A 56 -8.66 -20.88 -16.03
C GLU A 56 -9.52 -21.03 -14.74
N ALA A 57 -9.37 -20.10 -13.80
CA ALA A 57 -10.13 -20.14 -12.57
C ALA A 57 -10.30 -18.72 -12.05
N PRO A 58 -11.07 -17.89 -12.79
CA PRO A 58 -11.17 -16.47 -12.44
C PRO A 58 -11.63 -16.28 -10.99
N ILE A 59 -12.57 -17.12 -10.56
CA ILE A 59 -12.97 -17.15 -9.13
C ILE A 59 -12.58 -18.57 -8.67
N SER A 60 -11.71 -18.69 -7.68
CA SER A 60 -11.28 -19.98 -7.12
C SER A 60 -11.14 -19.89 -5.63
N PHE A 61 -11.18 -21.03 -4.92
CA PHE A 61 -11.14 -21.04 -3.45
C PHE A 61 -9.78 -21.44 -2.93
N TRP A 62 -9.40 -20.88 -1.78
CA TRP A 62 -8.08 -21.11 -1.20
C TRP A 62 -8.14 -21.21 0.29
N PRO A 63 -7.42 -22.21 0.87
CA PRO A 63 -7.18 -22.18 2.33
C PRO A 63 -6.38 -20.93 2.67
N THR A 64 -6.65 -20.35 3.84
CA THR A 64 -5.91 -19.16 4.25
C THR A 64 -4.56 -19.51 4.90
N ILE A 65 -3.53 -18.70 4.59
CA ILE A 65 -2.14 -18.92 5.10
C ILE A 65 -2.13 -19.03 6.64
N GLU A 66 -1.33 -19.99 7.15
CA GLU A 66 -1.09 -20.17 8.60
C GLU A 66 -0.42 -19.00 9.38
N LEU A 67 0.89 -18.89 9.24
CA LEU A 67 1.73 -18.04 10.10
C LEU A 67 1.43 -17.82 11.62
N PRO A 68 2.51 -17.92 12.43
CA PRO A 68 2.43 -18.15 13.87
C PRO A 68 1.66 -17.05 14.59
N GLY A 69 0.69 -17.47 15.39
CA GLY A 69 -0.02 -16.55 16.28
C GLY A 69 -1.31 -15.98 15.71
N PHE A 70 -1.48 -16.08 14.39
CA PHE A 70 -2.74 -15.69 13.72
C PHE A 70 -3.69 -16.85 13.50
N VAL A 71 -4.94 -16.53 13.24
CA VAL A 71 -5.96 -17.57 13.13
C VAL A 71 -6.43 -17.56 11.69
N ALA A 72 -6.11 -18.64 10.99
CA ALA A 72 -6.40 -18.76 9.60
C ALA A 72 -7.93 -18.77 9.37
N GLY A 73 -8.62 -19.65 10.12
CA GLY A 73 -10.04 -19.85 9.95
C GLY A 73 -10.39 -20.31 8.56
N ASN A 74 -11.57 -19.93 8.06
CA ASN A 74 -12.06 -20.34 6.72
C ASN A 74 -11.23 -19.78 5.58
N GLY A 75 -11.31 -20.41 4.40
CA GLY A 75 -10.50 -19.97 3.29
C GLY A 75 -11.26 -18.86 2.61
N HIS A 76 -10.90 -18.52 1.38
CA HIS A 76 -11.48 -17.35 0.74
C HIS A 76 -11.63 -17.58 -0.74
N TRP A 77 -12.62 -16.93 -1.31
CA TRP A 77 -12.85 -16.91 -2.77
C TRP A 77 -12.03 -15.76 -3.42
N ALA A 78 -11.03 -16.10 -4.22
CA ALA A 78 -10.11 -15.10 -4.74
C ALA A 78 -10.75 -14.57 -6.03
N LEU A 79 -11.04 -13.26 -6.05
CA LEU A 79 -11.46 -12.56 -7.28
C LEU A 79 -10.23 -12.01 -7.98
N THR A 80 -9.90 -12.55 -9.15
CA THR A 80 -8.67 -12.19 -9.85
C THR A 80 -8.97 -11.34 -11.08
N LYS A 81 -10.23 -11.28 -11.48
CA LYS A 81 -10.64 -10.41 -12.61
C LYS A 81 -10.99 -9.02 -12.17
N TYR A 82 -10.59 -8.06 -13.00
CA TYR A 82 -10.88 -6.61 -12.84
C TYR A 82 -12.37 -6.34 -12.54
N ASP A 83 -13.25 -6.79 -13.43
CA ASP A 83 -14.69 -6.54 -13.32
C ASP A 83 -15.29 -7.07 -12.04
N ASP A 84 -14.87 -8.24 -11.58
CA ASP A 84 -15.32 -8.71 -10.27
C ASP A 84 -14.78 -7.93 -9.07
N VAL A 85 -13.51 -7.56 -9.08
CA VAL A 85 -12.93 -6.74 -7.99
C VAL A 85 -13.69 -5.42 -7.93
N PHE A 86 -13.95 -4.84 -9.09
CA PHE A 86 -14.64 -3.56 -9.16
C PHE A 86 -16.07 -3.74 -8.62
N TYR A 87 -16.76 -4.79 -9.06
CA TYR A 87 -18.14 -5.02 -8.63
C TYR A 87 -18.22 -5.21 -7.13
N ALA A 88 -17.28 -5.97 -6.57
CA ALA A 88 -17.29 -6.21 -5.16
C ALA A 88 -17.05 -4.92 -4.39
N SER A 89 -16.08 -4.10 -4.84
CA SER A 89 -15.82 -2.82 -4.14
C SER A 89 -17.06 -1.91 -4.06
N ARG A 90 -17.90 -1.94 -5.12
CA ARG A 90 -19.01 -0.99 -5.28
C ARG A 90 -20.28 -1.51 -4.67
N HIS A 91 -20.24 -2.75 -4.15
CA HIS A 91 -21.40 -3.38 -3.47
C HIS A 91 -21.09 -3.76 -2.03
N PRO A 92 -20.84 -2.77 -1.16
CA PRO A 92 -20.42 -3.08 0.21
C PRO A 92 -21.55 -3.65 1.11
N ASP A 93 -22.80 -3.49 0.69
N ASP A 93 -22.81 -3.47 0.69
CA ASP A 93 -23.95 -4.04 1.41
CA ASP A 93 -24.00 -3.99 1.38
C ASP A 93 -23.85 -5.55 1.36
C ASP A 93 -24.00 -5.53 1.26
N ILE A 94 -23.31 -6.04 0.25
CA ILE A 94 -23.08 -7.44 0.05
C ILE A 94 -21.66 -7.91 0.49
N PHE A 95 -20.63 -7.22 0.00
CA PHE A 95 -19.25 -7.55 0.33
C PHE A 95 -18.82 -6.59 1.41
N SER A 96 -18.91 -7.06 2.64
CA SER A 96 -18.75 -6.19 3.76
C SER A 96 -17.27 -6.14 4.20
N SER A 97 -16.88 -4.99 4.77
CA SER A 97 -15.51 -4.82 5.29
C SER A 97 -15.40 -5.29 6.72
N TYR A 98 -16.55 -5.60 7.34
CA TYR A 98 -16.55 -6.19 8.67
C TYR A 98 -16.65 -7.72 8.54
N PRO A 99 -15.84 -8.48 9.31
CA PRO A 99 -15.04 -8.02 10.42
C PRO A 99 -13.56 -7.75 10.14
N ASN A 100 -13.11 -7.90 8.91
CA ASN A 100 -11.69 -7.80 8.64
C ASN A 100 -11.38 -7.60 7.18
N ILE A 101 -10.31 -6.87 6.93
CA ILE A 101 -9.89 -6.71 5.57
C ILE A 101 -8.57 -7.42 5.20
N THR A 102 -7.96 -8.09 6.18
CA THR A 102 -7.03 -9.17 5.80
C THR A 102 -7.76 -10.54 5.84
N ILE A 103 -7.14 -11.56 5.24
CA ILE A 103 -7.70 -12.92 5.16
C ILE A 103 -7.86 -13.69 6.49
N ASN A 104 -6.89 -13.59 7.38
CA ASN A 104 -7.00 -14.13 8.74
C ASN A 104 -8.22 -13.62 9.56
N ASP A 105 -8.73 -14.47 10.43
CA ASP A 105 -9.83 -14.04 11.28
C ASP A 105 -9.38 -12.94 12.19
N GLN A 106 -10.28 -11.98 12.37
CA GLN A 106 -10.20 -10.95 13.39
C GLN A 106 -10.41 -11.53 14.79
N THR A 107 -9.60 -11.15 15.78
CA THR A 107 -9.81 -11.59 17.17
C THR A 107 -10.09 -10.37 18.06
N PRO A 108 -10.79 -10.52 19.23
CA PRO A 108 -10.92 -9.32 20.08
C PRO A 108 -9.55 -8.71 20.51
N GLU A 109 -8.53 -9.52 20.72
CA GLU A 109 -7.21 -8.96 21.05
C GLU A 109 -6.66 -8.10 19.90
N LEU A 110 -6.77 -8.56 18.66
CA LEU A 110 -6.33 -7.76 17.53
C LEU A 110 -7.25 -6.51 17.39
N ALA A 111 -8.58 -6.67 17.54
CA ALA A 111 -9.52 -5.55 17.46
C ALA A 111 -9.21 -4.32 18.37
N GLU A 112 -8.41 -4.52 19.44
CA GLU A 112 -7.96 -3.41 20.33
C GLU A 112 -7.14 -2.36 19.55
N TYR A 113 -6.36 -2.80 18.59
CA TYR A 113 -5.48 -1.92 17.84
C TYR A 113 -5.89 -1.78 16.37
N PHE A 114 -6.72 -2.70 15.91
CA PHE A 114 -6.92 -2.85 14.48
C PHE A 114 -8.40 -2.86 14.18
N GLY A 115 -9.18 -2.18 15.01
CA GLY A 115 -10.61 -2.11 14.79
C GLY A 115 -10.97 -0.74 14.31
N SER A 116 -10.34 -0.28 13.24
CA SER A 116 -10.53 1.11 12.75
C SER A 116 -11.65 1.09 11.70
N MET A 117 -11.87 2.20 11.02
CA MET A 117 -12.97 2.31 10.07
C MET A 117 -12.79 1.46 8.81
N ILE A 118 -11.54 1.02 8.56
CA ILE A 118 -11.29 0.15 7.41
C ILE A 118 -11.99 -1.23 7.57
N VAL A 119 -12.32 -1.61 8.82
CA VAL A 119 -13.02 -2.87 9.03
C VAL A 119 -14.44 -2.57 9.51
N LEU A 120 -14.99 -1.42 9.12
CA LEU A 120 -16.38 -1.09 9.42
C LEU A 120 -17.15 -0.71 8.18
N ASP A 121 -18.48 -0.81 8.24
CA ASP A 121 -19.31 -0.41 7.12
C ASP A 121 -19.96 0.92 7.49
N ASP A 122 -20.60 1.54 6.51
CA ASP A 122 -21.42 2.72 6.74
C ASP A 122 -22.69 2.35 7.49
N PRO A 123 -23.28 3.29 8.21
CA PRO A 123 -22.88 4.69 8.34
C PRO A 123 -21.74 4.97 9.34
N ARG A 124 -21.40 4.07 10.26
CA ARG A 124 -20.30 4.35 11.17
C ARG A 124 -18.96 4.62 10.46
N HIS A 125 -18.67 3.90 9.40
CA HIS A 125 -17.43 4.18 8.67
C HIS A 125 -17.28 5.61 8.17
N GLN A 126 -18.33 6.11 7.56
CA GLN A 126 -18.34 7.46 7.00
C GLN A 126 -18.20 8.48 8.08
N ARG A 127 -18.88 8.27 9.19
CA ARG A 127 -18.80 9.23 10.31
C ARG A 127 -17.38 9.31 10.85
N LEU A 128 -16.73 8.17 10.96
CA LEU A 128 -15.31 8.19 11.32
C LEU A 128 -14.47 8.84 10.24
N ARG A 129 -14.72 8.47 9.00
CA ARG A 129 -13.87 9.00 7.94
C ARG A 129 -13.96 10.57 7.87
N SER A 130 -15.16 11.13 8.04
N SER A 130 -15.16 11.13 8.05
CA SER A 130 -15.35 12.58 7.99
CA SER A 130 -15.38 12.59 7.99
C SER A 130 -14.46 13.34 8.97
C SER A 130 -14.70 13.39 9.12
N ILE A 131 -14.11 12.70 10.09
CA ILE A 131 -13.23 13.32 11.09
C ILE A 131 -11.86 13.82 10.51
N VAL A 132 -11.33 13.12 9.51
CA VAL A 132 -9.99 13.44 9.03
C VAL A 132 -10.01 13.73 7.53
N SER A 133 -11.13 13.52 6.88
CA SER A 133 -11.08 13.57 5.42
C SER A 133 -10.82 14.97 4.78
N ARG A 134 -11.16 16.05 5.45
CA ARG A 134 -10.86 17.38 4.86
C ARG A 134 -9.36 17.51 4.60
N ALA A 135 -8.53 16.99 5.54
CA ALA A 135 -7.09 17.08 5.40
C ALA A 135 -6.48 16.35 4.19
N PHE A 136 -7.25 15.47 3.51
CA PHE A 136 -6.75 14.62 2.45
C PHE A 136 -7.35 14.97 1.06
N THR A 137 -8.26 15.93 1.07
CA THR A 137 -8.89 16.54 -0.09
C THR A 137 -7.85 17.09 -1.10
N PRO A 138 -8.13 17.04 -2.41
CA PRO A 138 -7.20 17.69 -3.39
C PRO A 138 -6.88 19.18 -3.14
N LYS A 139 -7.88 20.00 -2.77
CA LYS A 139 -7.65 21.41 -2.35
C LYS A 139 -6.60 21.51 -1.25
N VAL A 140 -6.72 20.63 -0.26
CA VAL A 140 -5.85 20.71 0.89
C VAL A 140 -4.46 20.10 0.63
N VAL A 141 -4.37 18.94 -0.02
CA VAL A 141 -3.03 18.41 -0.30
C VAL A 141 -2.27 19.37 -1.24
N ALA A 142 -3.01 20.11 -2.05
CA ALA A 142 -2.35 21.08 -2.91
C ALA A 142 -1.64 22.12 -2.05
N ARG A 143 -2.12 22.36 -0.82
CA ARG A 143 -1.61 23.41 0.05
C ARG A 143 -0.42 22.97 0.87
N ILE A 144 -0.05 21.70 0.85
CA ILE A 144 1.09 21.26 1.66
C ILE A 144 2.22 20.86 0.71
N GLU A 145 2.08 21.24 -0.55
CA GLU A 145 3.21 21.17 -1.44
C GLU A 145 4.54 21.67 -0.81
N ALA A 146 4.51 22.83 -0.13
CA ALA A 146 5.78 23.35 0.48
C ALA A 146 6.42 22.36 1.50
N ALA A 147 5.60 21.73 2.37
CA ALA A 147 6.14 20.74 3.29
C ALA A 147 6.62 19.49 2.55
N VAL A 148 5.92 19.10 1.50
CA VAL A 148 6.30 17.87 0.81
C VAL A 148 7.63 18.09 0.08
N ARG A 149 7.68 19.22 -0.60
CA ARG A 149 8.81 19.63 -1.38
C ARG A 149 10.03 19.69 -0.48
N ASP A 150 9.95 20.23 0.72
CA ASP A 150 11.27 20.27 1.27
C ASP A 150 11.73 19.14 2.13
N ARG A 151 10.80 18.30 2.59
CA ARG A 151 11.17 16.96 2.99
C ARG A 151 11.80 16.16 1.87
N ALA A 152 11.15 16.12 0.70
CA ALA A 152 11.72 15.43 -0.42
C ALA A 152 13.12 15.98 -0.83
N HIS A 153 13.24 17.29 -0.91
CA HIS A 153 14.47 17.92 -1.35
C HIS A 153 15.59 17.63 -0.32
N ARG A 154 15.29 17.80 0.95
CA ARG A 154 16.28 17.49 1.98
C ARG A 154 16.70 16.04 1.94
N LEU A 155 15.73 15.14 1.67
CA LEU A 155 16.09 13.71 1.60
C LEU A 155 16.97 13.35 0.42
N VAL A 156 16.65 13.86 -0.75
CA VAL A 156 17.57 13.65 -1.89
C VAL A 156 18.96 14.33 -1.62
N SER A 157 18.96 15.55 -1.06
CA SER A 157 20.26 16.17 -0.74
C SER A 157 21.02 15.28 0.21
N SER A 158 20.40 14.83 1.30
CA SER A 158 21.11 14.06 2.28
C SER A 158 21.50 12.68 1.72
N MET A 159 20.69 12.13 0.82
CA MET A 159 21.08 10.92 0.10
C MET A 159 22.41 11.10 -0.59
N ILE A 160 22.60 12.27 -1.24
CA ILE A 160 23.88 12.61 -1.89
C ILE A 160 24.96 12.83 -0.80
N ALA A 161 24.68 13.68 0.19
CA ALA A 161 25.71 13.97 1.20
C ALA A 161 26.15 12.70 1.96
N ASN A 162 25.18 11.84 2.29
CA ASN A 162 25.43 10.60 3.02
C ASN A 162 26.27 9.61 2.25
N ASN A 163 26.38 9.78 0.94
CA ASN A 163 26.94 8.77 0.04
C ASN A 163 28.01 9.25 -0.92
N PRO A 164 29.24 9.48 -0.41
CA PRO A 164 30.34 9.88 -1.28
C PRO A 164 30.59 8.86 -2.37
N ASP A 165 30.39 7.56 -2.05
CA ASP A 165 30.49 6.47 -3.03
C ASP A 165 29.44 6.48 -4.17
N ARG A 166 28.44 7.37 -4.06
CA ARG A 166 27.32 7.39 -5.02
C ARG A 166 26.59 6.04 -5.08
N GLN A 167 26.50 5.38 -3.93
CA GLN A 167 25.86 4.07 -3.76
C GLN A 167 24.97 4.18 -2.56
N ALA A 168 23.66 4.11 -2.75
CA ALA A 168 22.81 4.20 -1.59
C ALA A 168 21.71 3.17 -1.66
N ASP A 169 21.04 2.95 -0.53
CA ASP A 169 19.78 2.20 -0.51
C ASP A 169 18.66 3.20 -0.68
N LEU A 170 17.95 3.13 -1.80
CA LEU A 170 16.85 4.07 -2.07
C LEU A 170 15.82 4.04 -0.96
N VAL A 171 15.60 2.85 -0.38
CA VAL A 171 14.50 2.64 0.56
C VAL A 171 14.69 3.41 1.84
N SER A 172 15.80 3.18 2.50
CA SER A 172 16.04 3.93 3.72
C SER A 172 16.48 5.40 3.46
N GLU A 173 16.92 5.76 2.24
CA GLU A 173 17.43 7.14 2.11
C GLU A 173 16.35 8.10 1.65
N LEU A 174 15.35 7.58 0.95
CA LEU A 174 14.32 8.43 0.36
C LEU A 174 12.89 7.81 0.37
N ALA A 175 12.71 6.61 -0.20
CA ALA A 175 11.34 6.18 -0.44
C ALA A 175 10.64 5.98 0.87
N GLY A 176 11.35 5.40 1.83
CA GLY A 176 10.87 5.23 3.17
C GLY A 176 10.64 6.51 3.95
N PRO A 177 11.71 7.32 4.20
CA PRO A 177 11.50 8.47 5.09
C PRO A 177 10.63 9.60 4.53
N LEU A 178 10.48 9.73 3.23
CA LEU A 178 9.61 10.83 2.73
C LEU A 178 8.12 10.67 3.12
N PRO A 179 7.46 9.52 2.76
CA PRO A 179 6.05 9.40 3.17
C PRO A 179 5.88 9.29 4.69
N LEU A 180 6.90 8.80 5.39
CA LEU A 180 6.91 8.78 6.87
C LEU A 180 6.90 10.18 7.47
N GLN A 181 7.90 10.99 7.10
CA GLN A 181 7.96 12.37 7.61
C GLN A 181 6.63 13.11 7.33
N ILE A 182 6.12 13.06 6.10
CA ILE A 182 4.82 13.71 5.79
C ILE A 182 3.63 13.24 6.68
N ILE A 183 3.37 11.92 6.79
CA ILE A 183 2.25 11.46 7.65
C ILE A 183 2.47 11.81 9.14
N CYS A 184 3.67 11.61 9.63
CA CYS A 184 3.93 11.96 11.01
C CYS A 184 3.68 13.47 11.27
N ASP A 185 4.14 14.32 10.34
CA ASP A 185 3.89 15.75 10.44
C ASP A 185 2.39 15.99 10.46
N MET A 186 1.64 15.31 9.61
CA MET A 186 0.17 15.54 9.63
C MET A 186 -0.47 15.09 10.94
N MET A 187 0.02 13.97 11.47
CA MET A 187 -0.49 13.45 12.74
C MET A 187 -0.05 14.35 13.89
N GLY A 188 1.05 15.06 13.67
CA GLY A 188 1.67 15.81 14.77
C GLY A 188 2.64 14.97 15.58
N ILE A 189 3.29 14.01 14.95
CA ILE A 189 4.24 13.21 15.72
C ILE A 189 5.60 13.93 15.58
N PRO A 190 6.28 14.23 16.70
CA PRO A 190 7.59 14.93 16.59
C PRO A 190 8.68 14.09 15.92
N LYS A 191 9.63 14.79 15.33
CA LYS A 191 10.80 14.22 14.66
C LYS A 191 11.52 13.11 15.41
N ALA A 192 11.66 13.26 16.74
CA ALA A 192 12.47 12.31 17.51
C ALA A 192 11.80 10.92 17.52
N ASP A 193 10.50 10.92 17.26
CA ASP A 193 9.71 9.70 17.27
C ASP A 193 9.50 9.07 15.93
N HIS A 194 9.93 9.72 14.85
CA HIS A 194 9.70 9.16 13.51
C HIS A 194 10.23 7.75 13.33
N GLN A 195 11.47 7.52 13.76
CA GLN A 195 12.14 6.24 13.52
C GLN A 195 11.43 5.10 14.26
N ARG A 196 10.92 5.39 15.44
CA ARG A 196 10.31 4.38 16.25
C ARG A 196 8.99 4.01 15.64
N ILE A 197 8.23 5.03 15.25
CA ILE A 197 7.00 4.85 14.47
C ILE A 197 7.24 4.01 13.18
N PHE A 198 8.26 4.39 12.42
CA PHE A 198 8.59 3.60 11.24
C PHE A 198 8.91 2.11 11.52
N HIS A 199 9.71 1.84 12.53
CA HIS A 199 10.02 0.49 12.93
C HIS A 199 8.77 -0.27 13.39
N TRP A 200 7.83 0.43 14.03
CA TRP A 200 6.57 -0.25 14.41
C TRP A 200 5.69 -0.63 13.19
N THR A 201 5.49 0.29 12.26
CA THR A 201 4.59 -0.04 11.16
C THR A 201 5.26 -1.08 10.25
N ASN A 202 6.59 -1.02 10.18
CA ASN A 202 7.36 -2.00 9.43
C ASN A 202 7.15 -3.43 9.95
N VAL A 203 7.05 -3.61 11.26
CA VAL A 203 6.85 -4.92 11.85
C VAL A 203 5.37 -5.31 11.70
N ILE A 204 4.47 -4.37 11.99
CA ILE A 204 3.04 -4.63 11.78
C ILE A 204 2.79 -5.17 10.36
N LEU A 205 3.38 -4.55 9.36
CA LEU A 205 3.06 -4.96 8.00
C LEU A 205 4.21 -5.73 7.33
N GLY A 206 5.12 -6.25 8.15
CA GLY A 206 6.14 -7.14 7.63
C GLY A 206 6.08 -8.49 8.29
N PHE A 207 5.03 -8.75 9.07
CA PHE A 207 4.97 -10.01 9.82
C PHE A 207 4.93 -11.22 8.89
N GLY A 208 5.83 -12.16 9.13
CA GLY A 208 6.01 -13.34 8.27
C GLY A 208 7.38 -13.32 7.62
N ASP A 209 7.99 -12.15 7.55
CA ASP A 209 9.29 -12.00 6.93
C ASP A 209 10.29 -12.00 8.04
N PRO A 210 11.19 -13.02 8.08
CA PRO A 210 12.25 -13.13 9.10
C PRO A 210 13.14 -11.90 9.20
N ASP A 211 13.23 -11.06 8.18
CA ASP A 211 13.95 -9.79 8.32
C ASP A 211 13.17 -8.75 9.10
N LEU A 212 11.85 -8.96 9.23
CA LEU A 212 11.03 -8.03 9.99
C LEU A 212 10.65 -8.68 11.32
N ALA A 213 9.81 -9.73 11.27
CA ALA A 213 9.35 -10.47 12.45
C ALA A 213 8.60 -11.74 12.08
N THR A 214 8.78 -12.75 12.93
CA THR A 214 8.08 -14.04 12.77
C THR A 214 7.56 -14.55 14.10
N ASP A 215 7.92 -13.85 15.19
CA ASP A 215 7.43 -14.27 16.51
C ASP A 215 6.23 -13.40 16.90
N PHE A 216 5.09 -14.02 17.09
CA PHE A 216 3.87 -13.29 17.38
C PHE A 216 3.94 -12.40 18.63
N ASP A 217 4.81 -12.77 19.58
CA ASP A 217 5.07 -12.00 20.82
C ASP A 217 5.58 -10.61 20.46
N GLU A 218 6.51 -10.55 19.51
CA GLU A 218 7.02 -9.28 19.04
C GLU A 218 5.92 -8.43 18.34
N PHE A 219 5.04 -9.08 17.60
CA PHE A 219 3.99 -8.36 16.89
C PHE A 219 3.07 -7.74 17.91
N MET A 220 2.74 -8.52 18.95
CA MET A 220 1.84 -8.05 20.01
C MET A 220 2.46 -6.92 20.82
N GLN A 221 3.76 -7.03 21.09
CA GLN A 221 4.51 -5.98 21.78
C GLN A 221 4.51 -4.65 21.02
N VAL A 222 4.79 -4.72 19.73
CA VAL A 222 4.85 -3.55 18.88
C VAL A 222 3.47 -2.90 18.78
N SER A 223 2.45 -3.73 18.66
CA SER A 223 1.09 -3.25 18.64
C SER A 223 0.77 -2.48 19.91
N ALA A 224 1.11 -3.09 21.04
CA ALA A 224 0.90 -2.45 22.34
C ALA A 224 1.70 -1.14 22.40
N ASP A 225 2.95 -1.17 21.98
CA ASP A 225 3.80 0.02 22.03
C ASP A 225 3.25 1.17 21.16
N ILE A 226 2.78 0.85 19.95
CA ILE A 226 2.22 1.89 19.14
C ILE A 226 0.86 2.37 19.66
N GLY A 227 0.04 1.45 20.16
CA GLY A 227 -1.20 1.84 20.78
C GLY A 227 -0.94 2.72 21.99
N ALA A 228 -0.01 2.31 22.86
CA ALA A 228 0.37 3.12 24.03
C ALA A 228 0.88 4.52 23.55
N TYR A 229 1.73 4.54 22.54
CA TYR A 229 2.19 5.78 21.97
C TYR A 229 1.04 6.67 21.46
N ALA A 230 0.11 6.11 20.71
CA ALA A 230 -1.01 6.96 20.25
C ALA A 230 -1.77 7.57 21.42
N THR A 231 -1.92 6.77 22.47
CA THR A 231 -2.77 7.18 23.59
C THR A 231 -2.12 8.39 24.29
N ALA A 232 -0.82 8.34 24.47
CA ALA A 232 -0.07 9.37 25.16
C ALA A 232 -0.10 10.67 24.36
N LEU A 233 -0.01 10.57 23.04
CA LEU A 233 -0.01 11.73 22.18
C LEU A 233 -1.42 12.37 22.19
N ALA A 234 -2.45 11.52 22.04
CA ALA A 234 -3.85 11.93 22.09
C ALA A 234 -4.12 12.67 23.37
N GLU A 235 -3.57 12.18 24.49
CA GLU A 235 -3.89 12.77 25.77
C GLU A 235 -3.26 14.14 25.90
N ASP A 236 -2.04 14.23 25.44
CA ASP A 236 -1.40 15.52 25.22
C ASP A 236 -2.32 16.45 24.49
N ARG A 237 -2.79 16.04 23.33
CA ARG A 237 -3.53 16.95 22.48
C ARG A 237 -4.91 17.28 23.07
N ARG A 238 -5.44 16.36 23.89
CA ARG A 238 -6.67 16.63 24.62
C ARG A 238 -6.60 17.98 25.37
N VAL A 239 -5.51 18.16 26.11
CA VAL A 239 -5.27 19.40 26.89
C VAL A 239 -4.73 20.57 26.02
N ASN A 240 -3.85 20.28 25.06
CA ASN A 240 -3.23 21.29 24.27
C ASN A 240 -3.45 21.02 22.77
N HIS A 241 -4.46 21.67 22.17
CA HIS A 241 -4.71 21.59 20.73
C HIS A 241 -3.51 22.01 19.89
N HIS A 242 -3.18 21.26 18.83
CA HIS A 242 -2.06 21.65 18.00
C HIS A 242 -2.38 21.84 16.57
N ASP A 243 -3.52 21.42 16.06
CA ASP A 243 -3.63 21.60 14.60
C ASP A 243 -2.90 20.51 13.84
N ASP A 244 -3.16 19.29 14.30
CA ASP A 244 -2.64 18.16 13.61
C ASP A 244 -3.83 17.22 13.63
N LEU A 245 -3.73 16.12 12.90
CA LEU A 245 -4.83 15.13 12.85
C LEU A 245 -5.09 14.49 14.22
N THR A 246 -4.06 14.29 15.03
CA THR A 246 -4.27 13.76 16.35
C THR A 246 -5.23 14.63 17.18
N SER A 247 -5.18 15.95 17.02
CA SER A 247 -6.09 16.81 17.75
C SER A 247 -7.49 16.67 17.20
N SER A 248 -7.63 16.56 15.88
CA SER A 248 -8.95 16.39 15.28
C SER A 248 -9.58 15.13 15.82
N LEU A 249 -8.79 14.08 15.97
CA LEU A 249 -9.28 12.80 16.51
C LEU A 249 -9.85 12.92 17.92
N VAL A 250 -9.08 13.58 18.82
CA VAL A 250 -9.50 13.67 20.22
C VAL A 250 -10.59 14.71 20.45
N GLU A 251 -10.74 15.64 19.49
CA GLU A 251 -11.73 16.72 19.55
C GLU A 251 -13.05 16.26 18.94
N ALA A 252 -13.00 15.28 18.05
CA ALA A 252 -14.22 14.83 17.34
C ALA A 252 -15.33 14.27 18.24
N GLU A 253 -16.58 14.45 17.75
CA GLU A 253 -17.71 13.64 18.21
C GLU A 253 -18.32 12.94 17.00
N VAL A 254 -18.22 11.60 16.98
CA VAL A 254 -18.43 10.78 15.75
C VAL A 254 -19.66 9.99 15.95
N ASP A 255 -20.70 10.77 16.30
CA ASP A 255 -21.74 10.40 17.21
C ASP A 255 -22.22 11.78 17.78
N GLY A 256 -22.74 11.76 19.01
CA GLY A 256 -22.69 12.91 19.95
C GLY A 256 -21.73 12.49 21.09
N GLU A 257 -20.84 11.55 20.76
CA GLU A 257 -19.87 11.00 21.70
C GLU A 257 -18.47 11.16 21.15
N ARG A 258 -17.52 11.41 22.05
CA ARG A 258 -16.13 11.39 21.67
C ARG A 258 -15.60 9.96 21.41
N LEU A 259 -14.51 9.84 20.66
CA LEU A 259 -13.92 8.53 20.41
C LEU A 259 -13.29 7.90 21.68
N SER A 260 -13.50 6.59 21.88
CA SER A 260 -12.87 5.87 22.97
C SER A 260 -11.37 5.80 22.71
N SER A 261 -10.62 5.49 23.75
CA SER A 261 -9.20 5.18 23.63
C SER A 261 -8.82 4.21 22.52
N ARG A 262 -9.54 3.10 22.42
CA ARG A 262 -9.29 2.06 21.42
C ARG A 262 -9.59 2.60 20.02
N GLU A 263 -10.70 3.34 19.92
CA GLU A 263 -11.06 3.95 18.64
C GLU A 263 -9.98 4.96 18.21
N ILE A 264 -9.49 5.75 19.14
CA ILE A 264 -8.38 6.69 18.83
C ILE A 264 -7.12 5.93 18.44
N ALA A 265 -6.70 5.00 19.29
CA ALA A 265 -5.53 4.16 18.98
C ALA A 265 -5.66 3.49 17.59
N SER A 266 -6.84 2.96 17.25
CA SER A 266 -6.99 2.23 15.98
C SER A 266 -6.92 3.17 14.79
N PHE A 267 -7.49 4.35 14.98
CA PHE A 267 -7.49 5.36 13.93
C PHE A 267 -6.06 5.83 13.73
N PHE A 268 -5.34 6.12 14.83
CA PHE A 268 -3.96 6.56 14.69
C PHE A 268 -3.09 5.53 13.94
N ILE A 269 -3.29 4.23 14.28
CA ILE A 269 -2.45 3.16 13.74
C ILE A 269 -2.82 2.98 12.26
N LEU A 270 -4.12 3.09 11.92
CA LEU A 270 -4.51 2.98 10.51
C LEU A 270 -3.78 4.04 9.67
N LEU A 271 -3.86 5.31 10.13
CA LEU A 271 -3.23 6.42 9.35
C LEU A 271 -1.73 6.24 9.15
N VAL A 272 -1.05 6.00 10.25
CA VAL A 272 0.40 5.90 10.22
C VAL A 272 0.90 4.66 9.43
N VAL A 273 0.21 3.50 9.58
CA VAL A 273 0.60 2.31 8.82
C VAL A 273 0.31 2.51 7.34
N ALA A 274 -0.92 2.93 7.04
CA ALA A 274 -1.24 3.14 5.64
C ALA A 274 -0.25 4.18 5.11
N GLY A 275 -0.01 5.28 5.84
CA GLY A 275 0.93 6.30 5.31
C GLY A 275 2.35 5.76 5.11
N ASN A 276 2.77 4.81 5.96
CA ASN A 276 4.18 4.34 5.97
C ASN A 276 4.51 3.14 5.13
N GLU A 277 3.51 2.37 4.72
CA GLU A 277 3.80 1.04 4.12
C GLU A 277 3.19 0.90 2.72
N THR A 278 3.15 1.99 2.01
CA THR A 278 2.37 2.02 0.82
C THR A 278 3.09 2.81 -0.31
N THR A 279 3.09 4.14 -0.23
CA THR A 279 3.82 4.96 -1.21
C THR A 279 5.34 4.75 -1.33
N ARG A 280 6.00 4.39 -0.23
CA ARG A 280 7.42 3.94 -0.34
C ARG A 280 7.61 2.82 -1.33
N ASN A 281 6.65 1.87 -1.44
CA ASN A 281 6.80 0.81 -2.41
C ASN A 281 6.47 1.26 -3.81
N ALA A 282 5.45 2.11 -3.98
CA ALA A 282 5.24 2.74 -5.31
C ALA A 282 6.52 3.42 -5.79
N ILE A 283 7.13 4.20 -4.91
CA ILE A 283 8.33 4.93 -5.29
C ILE A 283 9.47 3.95 -5.64
N THR A 284 9.70 2.91 -4.82
CA THR A 284 10.86 2.02 -5.08
C THR A 284 10.62 1.18 -6.35
N HIS A 285 9.42 0.62 -6.49
CA HIS A 285 9.06 -0.06 -7.74
C HIS A 285 9.16 0.86 -8.94
N GLY A 286 8.77 2.14 -8.79
CA GLY A 286 8.98 3.12 -9.87
C GLY A 286 10.45 3.24 -10.32
N VAL A 287 11.36 3.38 -9.37
CA VAL A 287 12.76 3.57 -9.72
C VAL A 287 13.32 2.31 -10.38
N LEU A 288 12.93 1.14 -9.85
CA LEU A 288 13.30 -0.14 -10.45
C LEU A 288 12.77 -0.24 -11.88
N ALA A 289 11.50 0.18 -12.09
CA ALA A 289 10.91 0.10 -13.42
C ALA A 289 11.64 1.03 -14.35
N LEU A 290 11.92 2.28 -13.92
CA LEU A 290 12.75 3.17 -14.75
C LEU A 290 14.12 2.59 -15.04
N SER A 291 14.76 1.92 -14.07
CA SER A 291 16.02 1.24 -14.29
C SER A 291 15.95 0.12 -15.35
N ARG A 292 14.82 -0.60 -15.39
CA ARG A 292 14.62 -1.68 -16.38
C ARG A 292 14.27 -1.17 -17.76
N TYR A 293 13.46 -0.10 -17.85
CA TYR A 293 13.00 0.47 -19.12
C TYR A 293 13.53 1.92 -19.34
N PRO A 294 14.81 2.12 -19.76
CA PRO A 294 15.29 3.53 -19.69
C PRO A 294 14.67 4.45 -20.71
N GLU A 295 14.11 3.91 -21.80
CA GLU A 295 13.30 4.72 -22.72
C GLU A 295 12.19 5.47 -21.94
N GLN A 296 11.51 4.77 -21.03
CA GLN A 296 10.51 5.44 -20.18
C GLN A 296 11.09 6.58 -19.33
N ARG A 297 12.25 6.34 -18.69
CA ARG A 297 12.97 7.40 -17.93
C ARG A 297 13.24 8.60 -18.86
N ASP A 298 13.72 8.32 -20.06
CA ASP A 298 13.99 9.38 -21.06
C ASP A 298 12.80 10.24 -21.46
N ARG A 299 11.70 9.60 -21.82
CA ARG A 299 10.49 10.32 -22.17
C ARG A 299 10.01 11.22 -21.05
N TRP A 300 10.06 10.71 -19.81
CA TRP A 300 9.49 11.48 -18.72
C TRP A 300 10.37 12.68 -18.35
N TRP A 301 11.70 12.49 -18.39
CA TRP A 301 12.66 13.56 -18.05
C TRP A 301 12.62 14.65 -19.12
N SER A 302 12.28 14.28 -20.33
CA SER A 302 12.18 15.24 -21.41
C SER A 302 10.92 16.06 -21.29
N ASP A 303 9.95 15.60 -20.49
CA ASP A 303 8.68 16.32 -20.38
C ASP A 303 8.01 15.99 -19.09
N PHE A 304 8.64 16.43 -18.03
CA PHE A 304 8.26 15.98 -16.71
C PHE A 304 6.84 16.35 -16.38
N ASP A 305 6.49 17.62 -16.43
CA ASP A 305 5.15 18.11 -16.10
C ASP A 305 4.10 17.61 -17.08
N GLY A 306 4.45 17.41 -18.36
CA GLY A 306 3.47 16.96 -19.36
C GLY A 306 3.11 15.47 -19.13
N LEU A 307 4.10 14.70 -18.71
CA LEU A 307 3.90 13.28 -18.50
C LEU A 307 3.63 12.91 -17.03
N ALA A 308 3.86 13.82 -16.07
CA ALA A 308 3.65 13.43 -14.65
C ALA A 308 2.29 12.81 -14.24
N PRO A 309 1.14 13.33 -14.77
CA PRO A 309 -0.15 12.76 -14.31
C PRO A 309 -0.30 11.30 -14.69
N THR A 310 -0.02 10.97 -15.94
CA THR A 310 -0.11 9.59 -16.36
C THR A 310 1.09 8.70 -15.82
N ALA A 311 2.28 9.31 -15.59
CA ALA A 311 3.42 8.55 -15.09
C ALA A 311 3.13 8.06 -13.68
N VAL A 312 2.55 8.94 -12.87
CA VAL A 312 2.32 8.60 -11.50
C VAL A 312 1.27 7.45 -11.45
N GLU A 313 0.18 7.54 -12.23
CA GLU A 313 -0.82 6.44 -12.23
C GLU A 313 -0.21 5.10 -12.71
N GLU A 314 0.66 5.12 -13.69
CA GLU A 314 1.23 3.91 -14.21
C GLU A 314 2.27 3.30 -13.24
N ILE A 315 2.97 4.15 -12.50
CA ILE A 315 3.86 3.59 -11.45
C ILE A 315 2.99 2.88 -10.43
N VAL A 316 1.82 3.46 -10.11
CA VAL A 316 0.94 2.82 -9.12
C VAL A 316 0.38 1.49 -9.65
N ARG A 317 -0.11 1.49 -10.90
CA ARG A 317 -0.61 0.26 -11.54
C ARG A 317 0.47 -0.83 -11.55
N TRP A 318 1.70 -0.42 -11.84
CA TRP A 318 2.79 -1.35 -12.03
C TRP A 318 3.17 -1.96 -10.71
N ALA A 319 3.36 -1.09 -9.70
CA ALA A 319 3.78 -1.54 -8.37
C ALA A 319 2.69 -2.35 -7.66
N SER A 320 1.43 -2.00 -7.91
CA SER A 320 0.26 -2.40 -7.12
C SER A 320 0.62 -2.61 -5.63
N PRO A 321 0.93 -1.51 -4.89
CA PRO A 321 1.59 -1.64 -3.57
C PRO A 321 0.83 -2.50 -2.54
N VAL A 322 -0.50 -2.44 -2.61
CA VAL A 322 -1.41 -3.24 -1.81
C VAL A 322 -1.95 -4.33 -2.70
N VAL A 323 -1.61 -5.54 -2.32
CA VAL A 323 -1.82 -6.69 -3.19
C VAL A 323 -3.32 -7.10 -3.28
N TYR A 324 -4.00 -7.13 -2.11
CA TYR A 324 -5.39 -7.64 -2.01
C TYR A 324 -6.03 -6.89 -0.84
N MET A 325 -7.36 -6.79 -0.82
CA MET A 325 -8.11 -6.58 0.42
C MET A 325 -9.16 -7.71 0.51
N ARG A 326 -9.60 -8.01 1.72
CA ARG A 326 -10.65 -9.00 1.91
C ARG A 326 -11.99 -8.35 2.22
N ARG A 327 -13.07 -9.04 1.82
CA ARG A 327 -14.44 -8.71 2.21
C ARG A 327 -15.11 -9.98 2.78
N THR A 328 -16.33 -9.87 3.33
CA THR A 328 -17.10 -11.00 3.85
C THR A 328 -18.55 -10.83 3.37
N LEU A 329 -19.15 -11.89 2.82
CA LEU A 329 -20.49 -11.79 2.23
C LEU A 329 -21.57 -11.70 3.31
N THR A 330 -22.56 -10.86 3.09
CA THR A 330 -23.64 -10.74 4.04
C THR A 330 -24.83 -11.53 3.49
N GLN A 331 -24.67 -12.09 2.31
CA GLN A 331 -25.72 -12.77 1.62
C GLN A 331 -25.09 -13.60 0.50
N ASP A 332 -25.81 -14.64 0.07
CA ASP A 332 -25.41 -15.49 -1.07
C ASP A 332 -25.27 -14.70 -2.33
N ILE A 333 -24.34 -15.07 -3.19
CA ILE A 333 -24.21 -14.33 -4.42
C ILE A 333 -23.51 -15.21 -5.41
N GLU A 334 -23.88 -15.10 -6.67
CA GLU A 334 -23.18 -15.88 -7.66
C GLU A 334 -22.52 -14.94 -8.60
N LEU A 335 -21.23 -15.16 -8.87
CA LEU A 335 -20.55 -14.36 -9.90
C LEU A 335 -19.77 -15.25 -10.80
N ARG A 336 -19.85 -14.94 -12.09
CA ARG A 336 -19.06 -15.59 -13.12
C ARG A 336 -19.30 -17.08 -13.01
N GLY A 337 -20.53 -17.46 -12.66
CA GLY A 337 -20.89 -18.87 -12.49
C GLY A 337 -20.47 -19.59 -11.22
N THR A 338 -19.86 -18.89 -10.27
CA THR A 338 -19.48 -19.49 -9.00
C THR A 338 -20.43 -19.00 -7.91
N LYS A 339 -21.15 -19.94 -7.27
CA LYS A 339 -22.01 -19.62 -6.12
C LYS A 339 -21.16 -19.49 -4.87
N MET A 340 -21.30 -18.36 -4.19
CA MET A 340 -20.65 -18.10 -2.92
C MET A 340 -21.72 -17.86 -1.88
N ALA A 341 -21.42 -18.22 -0.63
CA ALA A 341 -22.40 -18.18 0.43
C ALA A 341 -22.18 -17.00 1.37
N ALA A 342 -23.26 -16.45 1.94
CA ALA A 342 -23.23 -15.55 3.11
C ALA A 342 -22.24 -16.02 4.17
N GLY A 343 -21.39 -15.12 4.66
CA GLY A 343 -20.38 -15.54 5.62
C GLY A 343 -19.04 -15.98 5.02
N ASP A 344 -19.01 -16.29 3.72
CA ASP A 344 -17.71 -16.61 3.03
C ASP A 344 -16.77 -15.38 2.89
N LYS A 345 -15.46 -15.63 3.01
CA LYS A 345 -14.43 -14.64 2.83
C LYS A 345 -14.19 -14.53 1.35
N VAL A 346 -13.90 -13.31 0.92
CA VAL A 346 -13.70 -13.02 -0.50
C VAL A 346 -12.48 -12.08 -0.59
N SER A 347 -11.52 -12.39 -1.45
CA SER A 347 -10.32 -11.59 -1.50
C SER A 347 -10.25 -10.98 -2.87
N LEU A 348 -9.99 -9.67 -2.90
CA LEU A 348 -9.95 -8.86 -4.12
C LEU A 348 -8.48 -8.64 -4.55
N TRP A 349 -8.05 -9.31 -5.61
CA TRP A 349 -6.64 -9.24 -5.97
C TRP A 349 -6.35 -8.05 -6.84
N TYR A 350 -5.97 -6.91 -6.23
CA TYR A 350 -5.63 -5.73 -7.07
C TYR A 350 -4.48 -5.92 -8.07
N CYS A 351 -3.48 -6.68 -7.67
CA CYS A 351 -2.29 -6.92 -8.50
C CYS A 351 -2.70 -7.68 -9.74
N SER A 352 -3.71 -8.52 -9.62
CA SER A 352 -4.24 -9.21 -10.78
C SER A 352 -5.16 -8.32 -11.63
N ALA A 353 -6.04 -7.55 -11.00
CA ALA A 353 -6.94 -6.65 -11.77
C ALA A 353 -6.12 -5.69 -12.63
N ASN A 354 -4.97 -5.30 -12.05
CA ASN A 354 -4.03 -4.40 -12.73
C ASN A 354 -3.23 -4.98 -13.86
N ARG A 355 -3.44 -6.26 -14.16
CA ARG A 355 -2.83 -6.91 -15.37
C ARG A 355 -3.86 -7.56 -16.26
N ASP A 356 -5.12 -7.30 -15.95
CA ASP A 356 -6.26 -7.93 -16.65
C ASP A 356 -6.31 -7.57 -18.13
N GLU A 357 -6.17 -8.61 -18.95
CA GLU A 357 -6.06 -8.51 -20.38
C GLU A 357 -7.36 -7.97 -20.95
N SER A 358 -8.49 -8.14 -20.24
CA SER A 358 -9.71 -7.62 -20.85
C SER A 358 -9.96 -6.16 -20.48
N LYS A 359 -9.19 -5.60 -19.56
CA LYS A 359 -9.35 -4.18 -19.30
C LYS A 359 -8.18 -3.35 -19.80
N PHE A 360 -7.00 -3.93 -19.86
CA PHE A 360 -5.85 -3.15 -20.30
C PHE A 360 -5.30 -3.69 -21.62
N ALA A 361 -5.21 -2.86 -22.66
CA ALA A 361 -4.30 -3.18 -23.76
C ALA A 361 -2.83 -3.19 -23.29
N ASP A 362 -2.08 -4.21 -23.72
CA ASP A 362 -0.65 -4.28 -23.42
C ASP A 362 -0.38 -4.12 -21.92
N PRO A 363 -1.04 -4.96 -21.08
CA PRO A 363 -0.92 -4.90 -19.63
C PRO A 363 0.51 -5.09 -19.16
N TRP A 364 1.36 -5.72 -19.98
CA TRP A 364 2.75 -6.01 -19.60
C TRP A 364 3.72 -4.86 -19.98
N THR A 365 3.18 -3.84 -20.66
CA THR A 365 3.94 -2.70 -21.06
C THR A 365 3.88 -1.60 -20.00
N PHE A 366 5.05 -1.24 -19.50
CA PHE A 366 5.18 -0.12 -18.56
C PHE A 366 5.20 1.19 -19.37
N ASP A 367 4.08 1.91 -19.39
CA ASP A 367 3.95 3.05 -20.32
C ASP A 367 3.56 4.32 -19.53
N LEU A 368 4.51 5.24 -19.29
CA LEU A 368 4.21 6.41 -18.46
C LEU A 368 3.21 7.37 -19.14
N ALA A 369 2.97 7.18 -20.43
CA ALA A 369 1.93 7.94 -21.14
C ALA A 369 0.58 7.22 -21.18
N ARG A 370 0.47 6.02 -20.57
CA ARG A 370 -0.77 5.24 -20.66
C ARG A 370 -2.00 6.09 -20.34
N ASN A 371 -2.89 6.18 -21.30
CA ASN A 371 -4.10 6.94 -21.09
C ASN A 371 -5.25 6.35 -21.94
N PRO A 372 -6.41 6.02 -21.31
CA PRO A 372 -6.72 6.05 -19.90
C PRO A 372 -5.98 4.94 -19.11
N ASN A 373 -6.12 4.97 -17.81
CA ASN A 373 -5.45 4.02 -16.94
C ASN A 373 -6.37 3.79 -15.74
N PRO A 374 -7.40 2.95 -15.92
CA PRO A 374 -8.38 2.75 -14.84
C PRO A 374 -7.86 1.76 -13.77
N HIS A 375 -6.58 1.80 -13.43
CA HIS A 375 -6.09 0.81 -12.48
C HIS A 375 -6.81 0.82 -11.12
N LEU A 376 -6.72 -0.32 -10.43
CA LEU A 376 -7.19 -0.43 -9.08
C LEU A 376 -6.09 -0.51 -7.99
N GLY A 377 -5.05 0.31 -8.11
CA GLY A 377 -4.02 0.31 -7.08
C GLY A 377 -4.54 0.92 -5.79
N PHE A 378 -5.51 1.86 -5.90
CA PHE A 378 -6.17 2.50 -4.73
C PHE A 378 -7.50 1.83 -4.43
N GLY A 379 -7.70 0.62 -4.98
CA GLY A 379 -8.89 -0.23 -4.74
C GLY A 379 -9.89 0.06 -5.85
N GLY A 380 -11.11 -0.49 -5.73
CA GLY A 380 -12.05 -0.45 -6.84
C GLY A 380 -13.02 0.72 -6.78
N GLY A 381 -12.83 1.63 -5.84
CA GLY A 381 -13.72 2.77 -5.79
C GLY A 381 -14.81 2.49 -4.78
N GLY A 382 -15.63 3.49 -4.51
CA GLY A 382 -16.66 3.29 -3.46
C GLY A 382 -16.24 3.76 -2.10
N ALA A 383 -16.91 3.20 -1.10
CA ALA A 383 -16.89 3.71 0.25
C ALA A 383 -15.51 3.77 0.90
N HIS A 384 -14.62 2.83 0.62
CA HIS A 384 -13.31 2.83 1.30
C HIS A 384 -12.21 3.31 0.40
N PHE A 385 -12.57 3.99 -0.70
CA PHE A 385 -11.52 4.46 -1.65
C PHE A 385 -10.35 5.10 -0.91
N CYS A 386 -9.15 4.72 -1.27
CA CYS A 386 -8.00 5.08 -0.47
C CYS A 386 -8.05 6.56 -0.04
N LEU A 387 -8.00 6.78 1.26
CA LEU A 387 -8.16 8.15 1.71
C LEU A 387 -6.92 8.96 1.33
N GLY A 388 -5.74 8.34 1.31
CA GLY A 388 -4.50 9.00 0.97
C GLY A 388 -4.19 9.08 -0.52
N ALA A 389 -5.14 8.79 -1.40
CA ALA A 389 -4.78 8.73 -2.81
C ALA A 389 -4.14 10.05 -3.35
N ASN A 390 -4.69 11.20 -2.95
CA ASN A 390 -4.18 12.44 -3.54
C ASN A 390 -2.83 12.80 -2.94
N LEU A 391 -2.72 12.63 -1.63
CA LEU A 391 -1.42 12.65 -0.96
C LEU A 391 -0.35 11.73 -1.54
N ALA A 392 -0.67 10.45 -1.73
CA ALA A 392 0.27 9.51 -2.36
C ALA A 392 0.75 9.98 -3.78
N ARG A 393 -0.18 10.39 -4.63
CA ARG A 393 0.15 10.83 -5.98
C ARG A 393 1.15 11.99 -5.95
N ARG A 394 0.89 12.93 -5.04
CA ARG A 394 1.75 14.08 -4.87
C ARG A 394 3.09 13.67 -4.28
N GLU A 395 3.08 12.76 -3.32
CA GLU A 395 4.35 12.26 -2.79
C GLU A 395 5.15 11.64 -3.95
N ILE A 396 4.48 10.88 -4.81
CA ILE A 396 5.19 10.15 -5.83
C ILE A 396 5.75 11.15 -6.82
N ARG A 397 4.91 12.12 -7.20
CA ARG A 397 5.30 13.09 -8.18
C ARG A 397 6.49 13.87 -7.68
N VAL A 398 6.39 14.44 -6.48
CA VAL A 398 7.49 15.26 -5.96
C VAL A 398 8.79 14.43 -5.77
N ALA A 399 8.67 13.15 -5.39
CA ALA A 399 9.88 12.37 -5.19
C ALA A 399 10.69 12.22 -6.51
N PHE A 400 10.00 11.89 -7.60
CA PHE A 400 10.65 11.76 -8.88
C PHE A 400 11.07 13.08 -9.42
N ASP A 401 10.33 14.14 -9.10
CA ASP A 401 10.78 15.47 -9.52
C ASP A 401 12.11 15.85 -8.86
N GLU A 402 12.25 15.59 -7.57
CA GLU A 402 13.49 15.88 -6.89
C GLU A 402 14.64 15.00 -7.33
N LEU A 403 14.39 13.73 -7.65
CA LEU A 403 15.42 12.87 -8.25
C LEU A 403 15.82 13.36 -9.62
N ARG A 404 14.84 13.77 -10.42
CA ARG A 404 15.11 14.14 -11.78
C ARG A 404 16.05 15.37 -11.70
N ARG A 405 15.85 16.25 -10.75
CA ARG A 405 16.66 17.39 -10.83
C ARG A 405 18.02 17.29 -10.14
N GLN A 406 18.15 16.50 -9.07
CA GLN A 406 19.48 16.31 -8.43
C GLN A 406 20.30 15.12 -8.91
N MET A 407 19.67 14.02 -9.30
CA MET A 407 20.48 12.89 -9.77
C MET A 407 19.69 12.19 -10.88
N PRO A 408 19.63 12.80 -12.09
CA PRO A 408 18.69 12.35 -13.12
C PRO A 408 18.89 10.94 -13.64
N ASP A 409 20.10 10.43 -13.48
CA ASP A 409 20.42 9.11 -13.97
C ASP A 409 20.46 8.07 -12.82
N VAL A 410 19.81 8.38 -11.71
CA VAL A 410 19.70 7.40 -10.63
C VAL A 410 19.11 6.07 -11.15
N VAL A 411 19.72 4.97 -10.70
CA VAL A 411 19.44 3.68 -11.31
C VAL A 411 19.82 2.56 -10.32
N ALA A 412 18.99 1.52 -10.30
CA ALA A 412 19.20 0.36 -9.44
C ALA A 412 20.44 -0.40 -9.86
N THR A 413 21.21 -0.89 -8.88
CA THR A 413 22.44 -1.66 -9.15
C THR A 413 22.37 -3.16 -8.76
N GLU A 414 21.36 -3.52 -7.96
CA GLU A 414 21.04 -4.92 -7.65
C GLU A 414 19.51 -5.05 -7.75
N GLU A 415 19.00 -6.26 -8.01
CA GLU A 415 17.56 -6.60 -7.78
C GLU A 415 17.18 -6.27 -6.33
N PRO A 416 15.91 -5.94 -6.07
CA PRO A 416 15.56 -5.58 -4.69
C PRO A 416 15.56 -6.80 -3.78
N ALA A 417 15.70 -6.58 -2.46
CA ALA A 417 15.35 -7.58 -1.45
C ALA A 417 13.85 -7.40 -1.26
N ARG A 418 13.06 -8.41 -1.55
CA ARG A 418 11.60 -8.30 -1.55
C ARG A 418 11.02 -8.72 -0.22
N LEU A 419 10.02 -7.96 0.24
CA LEU A 419 9.25 -8.33 1.44
C LEU A 419 8.51 -9.62 1.12
N LEU A 420 8.62 -10.59 2.03
CA LEU A 420 7.87 -11.83 1.96
C LEU A 420 6.50 -11.53 2.57
N SER A 421 5.48 -11.38 1.70
CA SER A 421 4.17 -10.86 2.17
C SER A 421 3.13 -11.14 1.14
N GLN A 422 1.94 -11.47 1.58
CA GLN A 422 0.81 -11.76 0.68
C GLN A 422 -0.01 -10.46 0.45
N PHE A 423 0.17 -9.48 1.33
CA PHE A 423 -0.67 -8.27 1.42
C PHE A 423 0.00 -7.02 0.85
N ILE A 424 1.33 -6.95 0.94
CA ILE A 424 2.06 -5.71 0.61
C ILE A 424 3.14 -6.04 -0.40
N HIS A 425 3.11 -5.35 -1.53
CA HIS A 425 4.15 -5.57 -2.52
C HIS A 425 5.42 -4.79 -2.17
N GLY A 426 6.09 -5.24 -1.12
CA GLY A 426 7.12 -4.43 -0.46
C GLY A 426 8.53 -4.68 -0.94
N ILE A 427 9.34 -3.61 -0.94
CA ILE A 427 10.75 -3.76 -1.18
C ILE A 427 11.50 -3.29 0.04
N LYS A 428 12.38 -4.15 0.56
CA LYS A 428 13.05 -3.82 1.82
C LYS A 428 14.25 -2.92 1.61
N THR A 429 14.94 -3.12 0.50
CA THR A 429 16.14 -2.39 0.16
C THR A 429 16.32 -2.44 -1.36
N LEU A 430 16.77 -1.32 -1.93
CA LEU A 430 17.10 -1.29 -3.34
C LEU A 430 18.37 -0.45 -3.55
N PRO A 431 19.52 -1.13 -3.72
CA PRO A 431 20.76 -0.35 -3.94
C PRO A 431 20.62 0.41 -5.26
N VAL A 432 20.93 1.72 -5.23
CA VAL A 432 20.94 2.57 -6.42
C VAL A 432 22.30 3.28 -6.54
N THR A 433 22.61 3.70 -7.74
CA THR A 433 23.72 4.55 -8.00
C THR A 433 23.29 5.70 -8.90
N TRP A 434 24.16 6.71 -9.01
CA TRP A 434 23.95 7.88 -9.88
C TRP A 434 25.33 8.49 -10.24
N SER A 435 25.37 9.43 -11.20
CA SER A 435 26.58 10.26 -11.43
C SER A 435 26.35 11.75 -11.25
CHA HEM B . -7.33 2.43 1.98
CHB HEM B . -3.89 1.58 -1.39
CHC HEM B . -1.32 5.45 0.26
CHD HEM B . -4.48 5.99 3.90
C1A HEM B . -6.62 1.87 0.91
C2A HEM B . -7.04 0.70 0.13
C3A HEM B . -6.09 0.48 -0.83
C4A HEM B . -5.05 1.47 -0.64
CMA HEM B . -6.07 -0.62 -1.89
CAA HEM B . -8.38 -0.05 0.33
CBA HEM B . -9.41 0.55 -0.68
CGA HEM B . -10.79 -0.11 -0.79
O1A HEM B . -11.16 -0.88 0.11
O2A HEM B . -11.57 0.08 -1.78
C1B HEM B . -2.95 2.64 -1.23
C2B HEM B . -1.86 2.89 -2.13
C3B HEM B . -1.16 3.95 -1.72
C4B HEM B . -1.77 4.39 -0.48
CMB HEM B . -1.59 2.05 -3.39
CAB HEM B . 0.10 4.60 -2.35
CBB HEM B . 0.46 4.43 -3.64
C1C HEM B . -1.94 5.90 1.40
C2C HEM B . -1.48 7.01 2.21
C3C HEM B . -2.34 7.13 3.22
C4C HEM B . -3.39 6.14 3.06
CMC HEM B . -0.19 7.81 1.97
CAC HEM B . -2.26 8.16 4.33
CBC HEM B . -2.64 7.91 5.57
C1D HEM B . -5.53 5.08 3.67
C2D HEM B . -6.66 4.93 4.55
C3D HEM B . -7.57 3.85 3.99
C4D HEM B . -6.88 3.41 2.80
CMD HEM B . -6.98 5.74 5.83
CAD HEM B . -8.93 3.46 4.61
CBD HEM B . -10.03 4.34 3.94
CGD HEM B . -11.43 3.94 4.40
O1D HEM B . -11.57 2.83 5.05
O2D HEM B . -12.41 4.69 4.12
NA HEM B . -5.40 2.30 0.41
NB HEM B . -2.85 3.56 -0.21
NC HEM B . -3.12 5.43 1.91
ND HEM B . -5.68 4.17 2.63
FE HEM B . -4.43 4.09 0.95
O1 VGJ C . -2.53 -14.52 6.49
C15 VGJ C . -2.58 -13.87 7.59
O2 VGJ C . -2.48 -14.49 8.67
C14 VGJ C . -2.80 -12.33 7.62
C13 VGJ C . -1.68 -11.41 8.22
C16 VGJ C . -1.15 -11.92 9.56
C12 VGJ C . -2.04 -9.89 8.28
C11 VGJ C . -1.99 -9.20 9.68
C10 VGJ C . -1.74 -7.68 9.78
C9 VGJ C . -2.96 -6.80 10.13
C17 VGJ C . -3.27 -6.77 11.64
C8 VGJ C . -2.79 -5.38 9.57
C7 VGJ C . -4.01 -4.41 9.65
C6 VGJ C . -4.05 -3.40 8.48
C5 VGJ C . -4.27 -1.91 8.77
C18 VGJ C . -3.55 -1.45 10.02
C4 VGJ C . -3.71 -0.96 7.70
C3 VGJ C . -3.78 -1.31 6.21
C2 VGJ C . -3.66 -0.03 5.38
C1 VGJ C . -3.51 -0.29 3.91
C19 VGJ C . -2.07 -0.68 3.56
C20 VGJ C . -4.04 0.86 3.06
CA CA D . 26.92 4.38 0.43
#